data_4O2I
#
_entry.id   4O2I
#
_cell.length_a   73.937
_cell.length_b   89.356
_cell.length_c   205.416
_cell.angle_alpha   90.00
_cell.angle_beta   90.00
_cell.angle_gamma   90.00
#
_symmetry.space_group_name_H-M   'C 2 2 21'
#
loop_
_entity.id
_entity.type
_entity.pdbx_description
1 polymer 'Non-LEE encoded type III effector C'
2 non-polymer 'ZINC ION'
3 water water
#
_entity_poly.entity_id   1
_entity_poly.type   'polypeptide(L)'
_entity_poly.pdbx_seq_one_letter_code
;(MSE)KIPSLQPSFNFFAPAGYSAAVAPNRSDNAYADYVLDIGKRIPLSAEDLGNLYENVIRAVRDSRSKLIDQHTVD
(MSE)IGNTILDALSRSQTFRDAVSYGIHNKEVHIGCIKYRNEYELNGESPVKVDDIQSLTCTELYEYDVGQEPILPICE
AGENDNEEPYVSFSVAPDTDSYE(MSE)PSWQEGLIHEIIHHVTGASDPSGDSNIELGPTEILARRVAQELGWTVPDFIG
YAEPDREAHLRGRNLNALRQAA(MSE)RHEDNERTFFERLG(MSE)ISDRYEASPDFTEYSAVSNIEYGFIQQHDFPGLA
IDDNLQDANQIQLYHGAPYIFTFGDV
;
_entity_poly.pdbx_strand_id   A,B
#
loop_
_chem_comp.id
_chem_comp.type
_chem_comp.name
_chem_comp.formula
ZN non-polymer 'ZINC ION' 'Zn 2'
#
# COMPACT_ATOMS: atom_id res chain seq x y z
N VAL A 22 21.36 41.42 8.81
CA VAL A 22 22.01 40.66 9.93
C VAL A 22 21.46 39.24 10.03
N ALA A 23 20.17 39.08 9.78
CA ALA A 23 19.50 37.78 9.76
C ALA A 23 19.11 37.42 8.32
N PRO A 24 19.26 36.14 7.93
CA PRO A 24 18.82 35.73 6.60
C PRO A 24 17.29 35.70 6.48
N ASN A 25 16.82 35.85 5.24
CA ASN A 25 15.40 35.75 4.90
C ASN A 25 14.82 34.40 5.35
N ARG A 26 13.55 34.40 5.76
CA ARG A 26 12.90 33.15 6.19
C ARG A 26 12.85 32.09 5.09
N SER A 27 13.09 32.52 3.85
CA SER A 27 13.08 31.68 2.65
C SER A 27 14.45 31.15 2.22
N ASP A 28 15.53 31.74 2.74
CA ASP A 28 16.89 31.36 2.35
C ASP A 28 17.37 30.12 3.09
N ASN A 29 18.12 29.27 2.38
CA ASN A 29 18.74 28.08 2.98
C ASN A 29 19.47 28.39 4.29
N ALA A 30 20.16 29.54 4.31
CA ALA A 30 20.95 29.97 5.46
C ALA A 30 20.14 30.16 6.76
N TYR A 31 18.83 30.31 6.62
CA TYR A 31 17.94 30.48 7.77
C TYR A 31 17.98 29.24 8.67
N ALA A 32 18.19 28.08 8.06
CA ALA A 32 18.24 26.80 8.77
C ALA A 32 19.29 26.82 9.87
N ASP A 33 20.53 27.12 9.51
CA ASP A 33 21.64 27.16 10.48
C ASP A 33 21.56 28.34 11.43
N TYR A 34 21.00 29.45 10.95
CA TYR A 34 20.78 30.65 11.76
C TYR A 34 19.90 30.34 12.98
N VAL A 35 18.80 29.64 12.76
CA VAL A 35 17.89 29.31 13.86
C VAL A 35 18.45 28.24 14.79
N LEU A 36 19.13 27.24 14.23
CA LEU A 36 19.71 26.17 15.04
C LEU A 36 20.75 26.70 16.02
N ASP A 37 21.65 27.55 15.53
N ASP A 37 21.64 27.57 15.53
CA ASP A 37 22.69 28.17 16.34
CA ASP A 37 22.70 28.16 16.35
C ASP A 37 22.08 28.94 17.51
C ASP A 37 22.13 29.00 17.49
N ILE A 38 21.03 29.71 17.23
CA ILE A 38 20.33 30.49 18.25
C ILE A 38 19.59 29.56 19.23
N GLY A 39 19.00 28.49 18.70
CA GLY A 39 18.33 27.48 19.52
C GLY A 39 19.25 26.78 20.52
N LYS A 40 20.51 26.60 20.11
CA LYS A 40 21.54 25.96 20.94
C LYS A 40 21.84 26.74 22.23
N ARG A 41 21.56 28.04 22.22
CA ARG A 41 21.91 28.92 23.35
C ARG A 41 21.29 28.49 24.68
N ILE A 42 20.02 28.10 24.64
CA ILE A 42 19.35 27.52 25.81
C ILE A 42 18.84 26.14 25.38
N PRO A 43 19.69 25.10 25.52
CA PRO A 43 19.29 23.76 25.11
C PRO A 43 18.21 23.19 26.02
N LEU A 44 17.44 22.22 25.50
CA LEU A 44 16.41 21.59 26.30
C LEU A 44 17.04 20.70 27.34
N SER A 45 16.75 20.98 28.61
CA SER A 45 17.19 20.14 29.71
C SER A 45 16.28 18.92 29.81
N ALA A 46 16.63 18.00 30.71
CA ALA A 46 15.82 16.83 30.99
C ALA A 46 14.41 17.22 31.43
N GLU A 47 14.33 18.22 32.32
CA GLU A 47 13.07 18.78 32.80
C GLU A 47 12.25 19.38 31.65
N ASP A 48 12.89 20.19 30.80
CA ASP A 48 12.24 20.80 29.65
C ASP A 48 11.64 19.72 28.76
N LEU A 49 12.48 18.74 28.43
CA LEU A 49 12.11 17.61 27.59
C LEU A 49 10.95 16.83 28.19
N GLY A 50 11.04 16.59 29.49
CA GLY A 50 9.98 15.92 30.25
C GLY A 50 8.65 16.64 30.13
N ASN A 51 8.68 17.97 30.20
CA ASN A 51 7.49 18.77 30.05
C ASN A 51 6.97 18.83 28.61
N LEU A 52 7.88 18.81 27.65
CA LEU A 52 7.48 18.77 26.23
C LEU A 52 6.77 17.48 25.85
N TYR A 53 7.23 16.37 26.42
CA TYR A 53 6.55 15.09 26.23
C TYR A 53 5.08 15.21 26.65
N GLU A 54 4.86 15.71 27.87
CA GLU A 54 3.51 15.88 28.42
C GLU A 54 2.68 16.81 27.54
N ASN A 55 3.27 17.94 27.15
CA ASN A 55 2.62 18.90 26.25
C ASN A 55 2.24 18.27 24.92
N VAL A 56 3.16 17.52 24.31
CA VAL A 56 2.89 16.86 23.03
C VAL A 56 1.76 15.83 23.14
N ILE A 57 1.82 14.95 24.15
CA ILE A 57 0.75 13.97 24.40
C ILE A 57 -0.61 14.66 24.44
N ARG A 58 -0.69 15.76 25.17
CA ARG A 58 -1.92 16.51 25.35
C ARG A 58 -2.46 17.10 24.05
N ALA A 59 -1.57 17.74 23.29
CA ALA A 59 -1.94 18.34 22.01
C ALA A 59 -2.38 17.28 21.00
N VAL A 60 -1.72 16.13 21.02
CA VAL A 60 -2.07 15.03 20.11
C VAL A 60 -3.42 14.47 20.54
N ARG A 61 -3.58 14.27 21.85
CA ARG A 61 -4.83 13.81 22.43
C ARG A 61 -5.97 14.74 22.03
N ASP A 62 -5.73 16.06 22.14
CA ASP A 62 -6.73 17.08 21.79
C ASP A 62 -6.93 17.23 20.29
N SER A 63 -6.10 16.56 19.50
CA SER A 63 -6.21 16.58 18.04
C SER A 63 -7.16 15.51 17.49
N ARG A 64 -7.56 14.57 18.34
CA ARG A 64 -8.29 13.38 17.89
C ARG A 64 -9.52 13.69 17.04
N SER A 65 -10.23 14.76 17.42
CA SER A 65 -11.45 15.18 16.75
C SER A 65 -11.23 15.65 15.31
N LYS A 66 -9.98 15.93 14.95
CA LYS A 66 -9.63 16.38 13.59
C LYS A 66 -8.79 15.36 12.82
N LEU A 67 -8.62 14.17 13.39
CA LEU A 67 -7.84 13.12 12.73
C LEU A 67 -8.72 11.94 12.35
N ILE A 68 -8.24 11.13 11.41
CA ILE A 68 -9.08 10.12 10.76
C ILE A 68 -9.31 8.85 11.60
N ASP A 69 -8.25 8.36 12.25
CA ASP A 69 -8.32 7.15 13.06
C ASP A 69 -7.30 7.17 14.20
N GLN A 70 -7.42 6.21 15.11
CA GLN A 70 -6.49 6.09 16.24
C GLN A 70 -5.06 5.81 15.78
N HIS A 71 -4.92 5.08 14.67
CA HIS A 71 -3.60 4.78 14.12
C HIS A 71 -2.84 6.03 13.76
N THR A 72 -3.51 6.95 13.07
CA THR A 72 -2.91 8.25 12.72
C THR A 72 -2.54 9.04 13.98
N VAL A 73 -3.42 9.06 14.97
CA VAL A 73 -3.15 9.72 16.26
C VAL A 73 -1.85 9.17 16.87
N ASP A 74 -1.74 7.84 16.92
CA ASP A 74 -0.57 7.16 17.48
C ASP A 74 0.71 7.47 16.71
N MSE A 75 0.63 7.46 15.38
CA MSE A 75 1.81 7.70 14.54
C MSE A 75 2.31 9.14 14.66
O MSE A 75 3.51 9.38 14.69
CB MSE A 75 1.53 7.37 13.07
CG MSE A 75 1.25 5.90 12.78
SE MSE A 75 2.63 4.66 13.40
CE MSE A 75 1.88 4.18 15.15
N ILE A 76 1.37 10.08 14.75
CA ILE A 76 1.73 11.49 14.93
C ILE A 76 2.44 11.65 16.26
N GLY A 77 1.83 11.11 17.32
CA GLY A 77 2.38 11.20 18.67
C GLY A 77 3.73 10.55 18.79
N ASN A 78 3.82 9.29 18.38
CA ASN A 78 5.09 8.56 18.40
C ASN A 78 6.20 9.19 17.58
N THR A 79 5.86 9.74 16.41
CA THR A 79 6.84 10.39 15.52
C THR A 79 7.42 11.63 16.20
N ILE A 80 6.57 12.48 16.76
CA ILE A 80 7.03 13.70 17.42
C ILE A 80 7.87 13.37 18.65
N LEU A 81 7.39 12.44 19.48
CA LEU A 81 8.13 12.06 20.69
C LEU A 81 9.48 11.44 20.35
N ASP A 82 9.51 10.61 19.31
CA ASP A 82 10.76 10.04 18.83
C ASP A 82 11.72 11.11 18.32
N ALA A 83 11.18 12.14 17.65
CA ALA A 83 12.02 13.24 17.14
C ALA A 83 12.62 14.09 18.26
N LEU A 84 11.80 14.44 19.25
CA LEU A 84 12.28 15.17 20.42
C LEU A 84 13.32 14.34 21.16
N SER A 85 13.06 13.04 21.23
CA SER A 85 13.90 12.12 21.97
C SER A 85 15.28 11.90 21.35
N ARG A 86 15.34 11.76 20.03
CA ARG A 86 16.56 11.26 19.39
C ARG A 86 17.21 12.18 18.36
N SER A 87 16.63 13.36 18.12
CA SER A 87 17.15 14.27 17.11
C SER A 87 17.58 15.61 17.71
N GLN A 88 18.88 15.83 17.75
CA GLN A 88 19.47 17.07 18.23
C GLN A 88 18.94 18.27 17.44
N THR A 89 18.88 18.13 16.12
CA THR A 89 18.37 19.19 15.25
C THR A 89 16.93 19.57 15.61
N PHE A 90 16.08 18.57 15.81
CA PHE A 90 14.70 18.84 16.16
C PHE A 90 14.60 19.57 17.49
N ARG A 91 15.36 19.11 18.48
CA ARG A 91 15.40 19.76 19.80
C ARG A 91 15.84 21.22 19.69
N ASP A 92 16.89 21.48 18.90
CA ASP A 92 17.38 22.83 18.69
C ASP A 92 16.35 23.73 18.02
N ALA A 93 15.64 23.21 17.02
CA ALA A 93 14.60 23.94 16.32
C ALA A 93 13.43 24.25 17.27
N VAL A 94 13.05 23.26 18.07
CA VAL A 94 11.98 23.40 19.06
C VAL A 94 12.37 24.41 20.15
N SER A 95 13.59 24.30 20.67
CA SER A 95 14.10 25.23 21.68
C SER A 95 14.19 26.66 21.14
N TYR A 96 14.55 26.79 19.85
CA TYR A 96 14.53 28.09 19.21
C TYR A 96 13.13 28.71 19.27
N GLY A 97 12.12 27.97 18.82
CA GLY A 97 10.75 28.46 18.82
C GLY A 97 10.29 28.94 20.18
N ILE A 98 10.57 28.13 21.20
CA ILE A 98 10.17 28.42 22.57
C ILE A 98 10.82 29.70 23.09
N HIS A 99 12.10 29.88 22.80
CA HIS A 99 12.86 30.98 23.37
C HIS A 99 12.99 32.18 22.50
N ASN A 100 12.45 32.13 21.28
CA ASN A 100 12.55 33.28 20.37
C ASN A 100 11.26 33.65 19.62
N LYS A 101 10.14 33.52 20.33
CA LYS A 101 8.85 34.08 19.90
C LYS A 101 8.25 33.49 18.62
N GLU A 102 8.57 32.22 18.35
CA GLU A 102 7.84 31.45 17.37
C GLU A 102 6.90 30.52 18.13
N VAL A 103 6.41 29.47 17.49
CA VAL A 103 5.44 28.56 18.14
C VAL A 103 6.10 27.56 19.10
N HIS A 104 5.52 27.43 20.29
CA HIS A 104 5.83 26.34 21.22
C HIS A 104 5.22 25.09 20.68
N ILE A 105 6.01 24.03 20.54
CA ILE A 105 5.53 22.76 19.94
C ILE A 105 4.23 22.25 20.59
N GLY A 106 4.10 22.43 21.90
CA GLY A 106 2.92 21.99 22.63
C GLY A 106 1.62 22.68 22.27
N CYS A 107 1.72 23.77 21.51
CA CYS A 107 0.54 24.52 21.08
C CYS A 107 -0.03 24.00 19.75
N ILE A 108 0.77 23.25 19.00
CA ILE A 108 0.36 22.76 17.69
C ILE A 108 -0.63 21.59 17.81
N LYS A 109 -1.77 21.71 17.12
CA LYS A 109 -2.71 20.60 16.95
C LYS A 109 -2.69 20.08 15.50
N TYR A 110 -3.28 18.90 15.29
CA TYR A 110 -3.14 18.18 14.01
C TYR A 110 -4.47 17.85 13.34
N ARG A 111 -4.49 17.94 12.01
CA ARG A 111 -5.69 17.70 11.22
C ARG A 111 -5.37 16.84 10.01
N ASN A 112 -6.37 16.12 9.51
CA ASN A 112 -6.29 15.45 8.23
C ASN A 112 -7.26 16.06 7.24
N GLU A 113 -7.01 17.30 6.83
CA GLU A 113 -7.88 17.96 5.85
C GLU A 113 -7.50 17.52 4.45
N TYR A 114 -8.51 17.18 3.66
CA TYR A 114 -8.34 16.81 2.27
C TYR A 114 -9.18 17.72 1.39
N GLU A 115 -8.89 17.73 0.10
CA GLU A 115 -9.64 18.52 -0.87
C GLU A 115 -9.84 17.71 -2.13
N LEU A 116 -10.87 18.06 -2.90
CA LEU A 116 -11.13 17.43 -4.19
C LEU A 116 -10.02 17.78 -5.19
N ASN A 117 -9.73 16.85 -6.08
CA ASN A 117 -8.74 17.04 -7.14
C ASN A 117 -9.40 17.66 -8.37
N GLY A 118 -8.68 18.58 -9.02
CA GLY A 118 -9.19 19.32 -10.18
C GLY A 118 -9.33 18.50 -11.46
N GLU A 119 -8.35 17.63 -11.73
CA GLU A 119 -8.32 16.83 -12.95
C GLU A 119 -9.04 15.48 -12.82
N SER A 120 -9.58 15.20 -11.64
CA SER A 120 -10.25 13.93 -11.39
C SER A 120 -11.57 13.79 -12.14
N PRO A 121 -11.78 12.63 -12.80
CA PRO A 121 -13.02 12.37 -13.54
C PRO A 121 -14.12 11.74 -12.70
N VAL A 122 -13.87 11.56 -11.41
CA VAL A 122 -14.76 10.82 -10.50
C VAL A 122 -16.20 11.34 -10.51
N LYS A 123 -17.14 10.39 -10.57
CA LYS A 123 -18.59 10.63 -10.58
C LYS A 123 -19.07 11.51 -9.43
N VAL A 124 -18.42 11.39 -8.28
CA VAL A 124 -18.81 12.10 -7.05
C VAL A 124 -18.37 13.57 -7.08
N ASP A 125 -18.97 14.39 -6.21
CA ASP A 125 -18.54 15.76 -5.99
C ASP A 125 -18.61 16.10 -4.50
N ASP A 126 -18.29 15.10 -3.67
CA ASP A 126 -18.42 15.19 -2.22
C ASP A 126 -17.57 14.08 -1.56
N ILE A 127 -16.59 14.49 -0.76
CA ILE A 127 -15.66 13.55 -0.11
C ILE A 127 -16.39 12.41 0.63
N GLN A 128 -17.48 12.78 1.31
CA GLN A 128 -18.30 11.85 2.09
C GLN A 128 -18.79 10.64 1.28
N SER A 129 -19.12 10.86 0.01
CA SER A 129 -19.69 9.81 -0.85
C SER A 129 -18.64 8.99 -1.62
N LEU A 130 -17.36 9.18 -1.30
CA LEU A 130 -16.30 8.42 -1.94
C LEU A 130 -16.25 6.97 -1.48
N THR A 131 -15.57 6.14 -2.26
CA THR A 131 -15.44 4.71 -1.96
C THR A 131 -14.00 4.25 -2.19
N CYS A 132 -13.63 3.13 -1.55
CA CYS A 132 -12.28 2.55 -1.71
C CYS A 132 -11.92 2.32 -3.16
N THR A 133 -12.89 1.82 -3.93
CA THR A 133 -12.70 1.52 -5.35
C THR A 133 -12.25 2.75 -6.12
N GLU A 134 -12.81 3.91 -5.75
CA GLU A 134 -12.49 5.15 -6.44
C GLU A 134 -11.07 5.65 -6.16
N LEU A 135 -10.50 5.23 -5.02
CA LEU A 135 -9.10 5.50 -4.71
C LEU A 135 -8.16 4.66 -5.58
N TYR A 136 -8.56 3.42 -5.81
CA TYR A 136 -7.75 2.47 -6.58
C TYR A 136 -8.00 2.50 -8.08
N GLU A 137 -9.09 3.14 -8.49
CA GLU A 137 -9.49 3.18 -9.90
C GLU A 137 -8.54 4.02 -10.75
N TYR A 138 -8.18 5.19 -10.23
CA TYR A 138 -7.29 6.09 -10.95
C TYR A 138 -5.96 6.20 -10.21
N ASP A 139 -4.87 6.26 -10.97
CA ASP A 139 -3.55 6.47 -10.41
C ASP A 139 -3.26 7.95 -10.22
N VAL A 140 -2.02 8.27 -9.87
CA VAL A 140 -1.58 9.65 -9.66
C VAL A 140 -1.88 10.54 -10.87
N GLY A 141 -2.29 11.77 -10.58
CA GLY A 141 -2.75 12.71 -11.60
C GLY A 141 -4.25 12.85 -11.54
N GLN A 142 -4.93 11.71 -11.44
CA GLN A 142 -6.39 11.66 -11.56
C GLN A 142 -7.12 11.24 -10.29
N GLU A 143 -6.37 11.01 -9.20
CA GLU A 143 -6.97 10.62 -7.92
C GLU A 143 -8.07 11.60 -7.48
N PRO A 144 -9.10 11.09 -6.77
CA PRO A 144 -10.24 11.92 -6.40
C PRO A 144 -9.93 13.02 -5.38
N ILE A 145 -9.16 12.69 -4.34
CA ILE A 145 -8.82 13.67 -3.30
C ILE A 145 -7.33 13.77 -2.99
N LEU A 146 -6.92 14.92 -2.45
CA LEU A 146 -5.53 15.18 -2.08
C LEU A 146 -5.49 15.76 -0.67
N PRO A 147 -4.46 15.40 0.12
CA PRO A 147 -4.37 15.98 1.47
C PRO A 147 -3.93 17.44 1.43
N ILE A 148 -4.41 18.23 2.38
CA ILE A 148 -3.90 19.57 2.60
C ILE A 148 -2.72 19.42 3.54
N CYS A 149 -1.51 19.64 3.02
CA CYS A 149 -0.31 19.58 3.85
C CYS A 149 0.18 21.00 4.06
N GLU A 150 -0.02 21.51 5.27
CA GLU A 150 0.31 22.90 5.58
C GLU A 150 0.40 23.19 7.08
N ALA A 151 1.10 24.26 7.39
CA ALA A 151 1.20 24.78 8.74
C ALA A 151 0.42 26.08 8.73
N GLY A 152 -0.74 26.09 9.38
CA GLY A 152 -1.58 27.27 9.40
C GLY A 152 -2.08 27.61 10.77
N GLU A 153 -3.05 28.51 10.84
CA GLU A 153 -3.69 28.84 12.10
C GLU A 153 -5.18 29.11 11.89
N ASN A 154 -5.97 28.81 12.93
CA ASN A 154 -7.38 29.19 12.91
C ASN A 154 -7.55 30.68 13.23
N ASP A 155 -8.80 31.10 13.42
CA ASP A 155 -9.12 32.50 13.71
C ASP A 155 -8.60 32.98 15.06
N ASN A 156 -8.52 32.07 16.03
CA ASN A 156 -7.95 32.38 17.34
C ASN A 156 -6.42 32.42 17.32
N GLU A 157 -5.85 32.30 16.12
CA GLU A 157 -4.39 32.26 15.92
C GLU A 157 -3.74 31.05 16.60
N GLU A 158 -4.53 29.99 16.75
CA GLU A 158 -4.03 28.72 17.29
C GLU A 158 -3.42 27.89 16.15
N PRO A 159 -2.16 27.45 16.32
CA PRO A 159 -1.41 26.84 15.22
C PRO A 159 -1.77 25.38 14.98
N TYR A 160 -1.93 25.02 13.72
CA TYR A 160 -2.20 23.63 13.38
C TYR A 160 -1.33 23.14 12.23
N VAL A 161 -1.19 21.82 12.17
CA VAL A 161 -0.61 21.16 11.03
C VAL A 161 -1.69 20.29 10.41
N SER A 162 -1.98 20.53 9.13
CA SER A 162 -2.78 19.60 8.36
C SER A 162 -1.84 18.73 7.55
N PHE A 163 -2.15 17.44 7.50
CA PHE A 163 -1.27 16.49 6.85
C PHE A 163 -2.00 15.23 6.42
N SER A 164 -1.38 14.50 5.51
CA SER A 164 -1.88 13.19 5.07
C SER A 164 -2.21 12.28 6.25
N VAL A 165 -3.26 11.48 6.09
CA VAL A 165 -3.54 10.39 7.03
C VAL A 165 -2.29 9.50 7.09
N ALA A 166 -2.12 8.76 8.18
CA ALA A 166 -0.92 7.93 8.37
C ALA A 166 -0.98 6.62 7.59
N PRO A 167 0.14 6.26 6.94
CA PRO A 167 0.16 4.97 6.27
C PRO A 167 0.25 3.84 7.31
N ASP A 168 0.18 2.60 6.84
CA ASP A 168 0.26 1.45 7.72
C ASP A 168 1.63 1.36 8.41
N THR A 169 1.65 0.83 9.64
CA THR A 169 2.90 0.44 10.28
C THR A 169 3.67 -0.47 9.33
N ASP A 170 4.96 -0.21 9.16
CA ASP A 170 5.84 -1.03 8.31
C ASP A 170 5.63 -0.88 6.79
N SER A 171 4.86 0.13 6.38
CA SER A 171 4.70 0.42 4.95
C SER A 171 5.95 1.10 4.43
N TYR A 172 6.17 1.03 3.12
CA TYR A 172 7.26 1.75 2.48
C TYR A 172 7.14 3.25 2.74
N GLU A 173 5.91 3.75 2.71
CA GLU A 173 5.60 5.16 2.84
C GLU A 173 5.92 5.80 4.19
N MSE A 174 6.12 5.01 5.24
CA MSE A 174 6.23 5.56 6.60
C MSE A 174 7.35 6.61 6.79
O MSE A 174 7.04 7.73 7.23
CB MSE A 174 6.31 4.46 7.66
CG MSE A 174 6.27 4.99 9.10
SE MSE A 174 4.63 5.96 9.53
CE MSE A 174 3.46 4.46 9.85
N PRO A 175 8.61 6.28 6.45
CA PRO A 175 9.65 7.28 6.71
C PRO A 175 9.42 8.62 6.00
N SER A 176 8.93 8.59 4.76
CA SER A 176 8.65 9.82 4.02
C SER A 176 7.50 10.60 4.65
N TRP A 177 6.50 9.87 5.13
CA TRP A 177 5.39 10.49 5.82
C TRP A 177 5.86 11.17 7.08
N GLN A 178 6.73 10.48 7.84
CA GLN A 178 7.26 11.05 9.08
C GLN A 178 8.07 12.32 8.81
N GLU A 179 8.97 12.24 7.84
CA GLU A 179 9.77 13.40 7.43
C GLU A 179 8.90 14.61 7.06
N GLY A 180 7.84 14.37 6.29
CA GLY A 180 6.88 15.42 5.90
C GLY A 180 6.09 16.02 7.06
N LEU A 181 5.75 15.18 8.05
CA LEU A 181 5.09 15.66 9.26
C LEU A 181 6.01 16.64 10.01
N ILE A 182 7.25 16.21 10.24
CA ILE A 182 8.27 17.06 10.86
C ILE A 182 8.48 18.37 10.08
N HIS A 183 8.50 18.28 8.76
CA HIS A 183 8.61 19.48 7.91
C HIS A 183 7.57 20.52 8.29
N GLU A 184 6.30 20.13 8.34
CA GLU A 184 5.23 21.09 8.63
C GLU A 184 5.37 21.71 10.01
N ILE A 185 5.80 20.89 10.99
CA ILE A 185 5.99 21.34 12.36
C ILE A 185 7.12 22.37 12.42
N ILE A 186 8.14 22.17 11.59
CA ILE A 186 9.25 23.10 11.54
C ILE A 186 8.85 24.50 11.05
N HIS A 187 7.90 24.58 10.11
CA HIS A 187 7.32 25.88 9.74
C HIS A 187 6.89 26.69 10.94
N HIS A 188 6.14 26.08 11.87
CA HIS A 188 5.62 26.80 13.05
C HIS A 188 6.69 27.11 14.05
N VAL A 189 7.52 26.10 14.29
CA VAL A 189 8.46 26.09 15.41
C VAL A 189 9.71 26.93 15.15
N THR A 190 10.04 27.19 13.89
CA THR A 190 11.21 28.02 13.57
C THR A 190 10.82 29.29 12.82
N GLY A 191 9.62 29.30 12.27
CA GLY A 191 9.18 30.39 11.41
C GLY A 191 9.79 30.32 10.02
N ALA A 192 10.55 29.25 9.76
CA ALA A 192 11.17 29.05 8.43
C ALA A 192 10.12 28.87 7.34
N SER A 193 10.48 29.25 6.13
CA SER A 193 9.57 29.19 4.99
C SER A 193 10.07 28.22 3.90
N ASP A 194 9.23 27.95 2.92
CA ASP A 194 9.64 27.22 1.73
C ASP A 194 10.16 28.22 0.69
N PRO A 195 10.93 27.73 -0.31
CA PRO A 195 11.52 28.64 -1.30
C PRO A 195 10.50 29.57 -1.97
N SER A 196 10.98 30.76 -2.31
CA SER A 196 10.15 31.89 -2.77
C SER A 196 9.35 31.62 -4.04
N GLY A 197 9.96 30.91 -4.99
CA GLY A 197 9.33 30.69 -6.29
C GLY A 197 9.26 29.23 -6.68
N ASP A 198 9.61 28.95 -7.93
CA ASP A 198 9.67 27.59 -8.45
C ASP A 198 11.09 27.04 -8.29
N SER A 199 11.40 26.52 -7.10
CA SER A 199 12.76 26.14 -6.74
C SER A 199 13.10 24.70 -7.08
N ASN A 200 13.88 24.53 -8.14
CA ASN A 200 14.27 23.20 -8.61
C ASN A 200 15.63 22.73 -8.10
N ILE A 201 16.42 23.66 -7.55
CA ILE A 201 17.80 23.35 -7.18
C ILE A 201 18.14 23.57 -5.69
N GLU A 202 17.19 24.13 -4.94
CA GLU A 202 17.35 24.25 -3.49
C GLU A 202 16.10 23.74 -2.78
N LEU A 203 16.30 23.18 -1.58
CA LEU A 203 15.21 22.62 -0.80
C LEU A 203 14.48 23.68 0.02
N GLY A 204 15.18 24.76 0.34
CA GLY A 204 14.68 25.75 1.29
C GLY A 204 15.02 25.34 2.71
N PRO A 205 14.98 26.29 3.66
CA PRO A 205 15.42 26.01 5.03
C PRO A 205 14.53 25.00 5.79
N THR A 206 13.22 25.02 5.54
CA THR A 206 12.30 24.10 6.22
C THR A 206 12.59 22.64 5.85
N GLU A 207 12.78 22.38 4.56
CA GLU A 207 13.10 21.03 4.09
C GLU A 207 14.51 20.59 4.51
N ILE A 208 15.47 21.51 4.47
CA ILE A 208 16.82 21.23 4.97
C ILE A 208 16.76 20.74 6.41
N LEU A 209 16.04 21.46 7.25
CA LEU A 209 15.89 21.05 8.65
C LEU A 209 15.18 19.70 8.77
N ALA A 210 14.10 19.52 8.01
CA ALA A 210 13.36 18.25 8.01
C ALA A 210 14.25 17.08 7.59
N ARG A 211 15.05 17.30 6.56
CA ARG A 211 15.97 16.26 6.08
C ARG A 211 17.04 15.92 7.12
N ARG A 212 17.50 16.90 7.89
CA ARG A 212 18.51 16.66 8.92
C ARG A 212 17.92 15.82 10.05
N VAL A 213 16.69 16.13 10.41
CA VAL A 213 15.96 15.34 11.40
C VAL A 213 15.83 13.89 10.92
N ALA A 214 15.36 13.72 9.68
CA ALA A 214 15.19 12.39 9.09
C ALA A 214 16.49 11.58 9.14
N GLN A 215 17.60 12.22 8.78
CA GLN A 215 18.90 11.57 8.78
C GLN A 215 19.30 11.12 10.18
N GLU A 216 19.12 11.98 11.16
CA GLU A 216 19.46 11.68 12.56
C GLU A 216 18.61 10.55 13.14
N LEU A 217 17.39 10.41 12.64
CA LEU A 217 16.44 9.42 13.15
C LEU A 217 16.47 8.11 12.37
N GLY A 218 17.14 8.11 11.21
CA GLY A 218 17.24 6.92 10.37
C GLY A 218 16.05 6.72 9.45
N TRP A 219 15.32 7.80 9.17
CA TRP A 219 14.22 7.76 8.23
C TRP A 219 14.74 7.93 6.83
N THR A 220 14.82 6.83 6.08
CA THR A 220 15.30 6.86 4.71
C THR A 220 14.28 7.57 3.83
N VAL A 221 14.73 8.62 3.14
CA VAL A 221 13.88 9.36 2.21
C VAL A 221 14.66 9.62 0.92
N PRO A 222 13.97 9.88 -0.21
CA PRO A 222 14.76 10.07 -1.43
C PRO A 222 15.58 11.35 -1.38
N ASP A 223 16.69 11.34 -2.11
CA ASP A 223 17.71 12.38 -2.01
C ASP A 223 17.47 13.50 -3.03
N PHE A 224 16.38 14.24 -2.84
CA PHE A 224 16.01 15.34 -3.73
C PHE A 224 16.87 16.58 -3.48
N ILE A 225 17.03 17.41 -4.51
CA ILE A 225 17.79 18.65 -4.38
C ILE A 225 16.92 19.92 -4.47
N GLY A 226 15.72 19.82 -5.03
CA GLY A 226 14.83 20.97 -5.16
C GLY A 226 13.46 20.74 -4.55
N TYR A 227 12.93 21.75 -3.85
CA TYR A 227 11.62 21.65 -3.21
C TYR A 227 10.49 21.39 -4.21
N ALA A 228 10.67 21.88 -5.44
CA ALA A 228 9.63 21.79 -6.46
C ALA A 228 10.08 21.05 -7.73
N GLU A 229 11.18 20.31 -7.65
CA GLU A 229 11.61 19.50 -8.80
C GLU A 229 10.57 18.42 -9.06
N PRO A 230 10.29 18.12 -10.35
CA PRO A 230 9.24 17.16 -10.73
C PRO A 230 9.27 15.81 -10.00
N ASP A 231 10.46 15.26 -9.77
CA ASP A 231 10.62 13.99 -9.06
C ASP A 231 10.11 14.05 -7.62
N ARG A 232 10.34 15.18 -6.95
CA ARG A 232 9.82 15.36 -5.60
C ARG A 232 8.29 15.42 -5.61
N GLU A 233 7.74 16.24 -6.50
CA GLU A 233 6.29 16.37 -6.69
C GLU A 233 5.62 15.01 -6.86
N ALA A 234 6.15 14.20 -7.78
CA ALA A 234 5.60 12.89 -8.09
C ALA A 234 5.71 11.94 -6.89
N HIS A 235 6.81 12.01 -6.17
CA HIS A 235 6.99 11.17 -4.97
C HIS A 235 5.96 11.45 -3.91
N LEU A 236 5.72 12.73 -3.62
CA LEU A 236 4.76 13.14 -2.60
C LEU A 236 3.34 12.71 -2.95
N ARG A 237 2.98 12.95 -4.20
CA ARG A 237 1.71 12.55 -4.76
C ARG A 237 1.49 11.06 -4.59
N GLY A 238 2.51 10.26 -4.95
CA GLY A 238 2.45 8.81 -4.80
C GLY A 238 2.32 8.39 -3.35
N ARG A 239 3.19 8.94 -2.49
CA ARG A 239 3.15 8.67 -1.07
C ARG A 239 1.77 8.98 -0.48
N ASN A 240 1.23 10.15 -0.79
CA ASN A 240 -0.08 10.54 -0.25
C ASN A 240 -1.23 9.64 -0.69
N LEU A 241 -1.28 9.32 -1.98
CA LEU A 241 -2.32 8.43 -2.49
C LEU A 241 -2.24 7.06 -1.80
N ASN A 242 -1.03 6.54 -1.67
CA ASN A 242 -0.82 5.24 -1.02
C ASN A 242 -1.20 5.24 0.46
N ALA A 243 -0.78 6.26 1.19
CA ALA A 243 -1.17 6.42 2.60
C ALA A 243 -2.69 6.41 2.74
N LEU A 244 -3.37 7.11 1.84
CA LEU A 244 -4.83 7.21 1.89
C LEU A 244 -5.50 5.87 1.59
N ARG A 245 -4.98 5.17 0.59
CA ARG A 245 -5.51 3.86 0.20
C ARG A 245 -5.37 2.90 1.37
N GLN A 246 -4.21 2.94 2.02
CA GLN A 246 -3.97 2.09 3.20
C GLN A 246 -4.90 2.43 4.34
N ALA A 247 -5.10 3.72 4.60
CA ALA A 247 -6.05 4.16 5.63
C ALA A 247 -7.47 3.68 5.34
N ALA A 248 -7.94 3.88 4.11
CA ALA A 248 -9.27 3.40 3.72
C ALA A 248 -9.40 1.89 3.91
N MSE A 249 -8.38 1.14 3.50
CA MSE A 249 -8.37 -0.31 3.63
C MSE A 249 -8.36 -0.77 5.09
O MSE A 249 -8.96 -1.79 5.41
CB MSE A 249 -7.19 -0.92 2.86
CG MSE A 249 -7.53 -1.15 1.41
SE MSE A 249 -9.03 -2.37 1.22
CE MSE A 249 -10.09 -1.31 0.00
N ARG A 250 -7.69 -0.03 5.97
CA ARG A 250 -7.73 -0.28 7.40
C ARG A 250 -9.16 -0.22 7.96
N HIS A 251 -10.04 0.46 7.23
CA HIS A 251 -11.43 0.65 7.67
C HIS A 251 -12.40 0.20 6.61
N GLU A 252 -12.08 -0.91 5.95
CA GLU A 252 -12.88 -1.39 4.84
C GLU A 252 -14.29 -1.75 5.27
N ASP A 253 -14.42 -2.37 6.45
CA ASP A 253 -15.73 -2.70 7.02
C ASP A 253 -16.59 -1.47 7.32
N ASN A 254 -15.93 -0.37 7.66
CA ASN A 254 -16.62 0.89 7.97
C ASN A 254 -16.43 1.93 6.87
N GLU A 255 -16.40 1.47 5.63
CA GLU A 255 -16.07 2.30 4.47
C GLU A 255 -16.83 3.63 4.44
N ARG A 256 -18.15 3.56 4.55
CA ARG A 256 -18.99 4.76 4.46
C ARG A 256 -18.67 5.78 5.56
N THR A 257 -18.49 5.30 6.78
CA THR A 257 -18.23 6.17 7.93
C THR A 257 -16.81 6.72 7.91
N PHE A 258 -15.88 5.94 7.37
CA PHE A 258 -14.51 6.42 7.17
C PHE A 258 -14.51 7.68 6.31
N PHE A 259 -15.19 7.62 5.17
CA PHE A 259 -15.24 8.76 4.25
C PHE A 259 -16.10 9.90 4.79
N GLU A 260 -17.12 9.56 5.56
CA GLU A 260 -17.92 10.57 6.27
C GLU A 260 -17.05 11.35 7.24
N ARG A 261 -16.26 10.63 8.03
CA ARG A 261 -15.37 11.25 8.99
C ARG A 261 -14.33 12.14 8.30
N LEU A 262 -13.82 11.67 7.15
CA LEU A 262 -12.81 12.41 6.39
C LEU A 262 -13.38 13.70 5.79
N GLY A 263 -14.57 13.63 5.22
CA GLY A 263 -15.23 14.81 4.63
C GLY A 263 -15.58 15.83 5.69
N MSE A 264 -15.91 15.32 6.88
CA MSE A 264 -16.25 16.13 8.05
C MSE A 264 -15.05 16.93 8.54
O MSE A 264 -15.17 18.15 8.76
CB MSE A 264 -16.76 15.18 9.14
CG MSE A 264 -17.34 15.82 10.35
SE MSE A 264 -18.49 14.49 11.16
CE MSE A 264 -18.42 15.08 12.99
N ILE A 265 -13.90 16.26 8.69
CA ILE A 265 -12.64 16.94 9.01
C ILE A 265 -12.37 18.01 7.96
N SER A 266 -12.47 17.61 6.69
CA SER A 266 -12.21 18.50 5.58
C SER A 266 -13.17 19.69 5.52
N ASP A 267 -14.36 19.52 6.09
CA ASP A 267 -15.32 20.61 6.20
C ASP A 267 -15.14 21.38 7.51
N ARG A 268 -14.08 21.05 8.23
CA ARG A 268 -13.69 21.75 9.48
C ARG A 268 -14.71 21.60 10.60
N TYR A 269 -15.32 20.42 10.70
CA TYR A 269 -16.18 20.10 11.83
C TYR A 269 -15.46 19.20 12.81
N GLU A 270 -15.83 19.36 14.08
CA GLU A 270 -15.36 18.52 15.17
C GLU A 270 -15.97 17.12 15.02
N ALA A 271 -15.13 16.12 14.78
CA ALA A 271 -15.58 14.74 14.76
C ALA A 271 -15.39 14.09 16.12
N SER A 272 -15.97 12.90 16.29
CA SER A 272 -15.91 12.19 17.57
C SER A 272 -14.46 11.94 18.01
N PRO A 273 -14.12 12.38 19.23
CA PRO A 273 -12.75 12.16 19.73
C PRO A 273 -12.48 10.67 20.01
N ASP A 274 -13.55 9.89 20.15
CA ASP A 274 -13.44 8.46 20.45
C ASP A 274 -13.65 7.55 19.23
N PHE A 275 -13.73 8.14 18.04
CA PHE A 275 -13.89 7.40 16.77
C PHE A 275 -15.13 6.49 16.76
N THR A 276 -16.28 7.09 17.10
CA THR A 276 -17.57 6.41 17.16
C THR A 276 -17.92 5.64 15.89
N GLU A 277 -17.66 6.27 14.74
CA GLU A 277 -18.03 5.70 13.45
C GLU A 277 -17.28 4.41 13.09
N TYR A 278 -16.38 3.96 13.97
CA TYR A 278 -15.72 2.66 13.82
C TYR A 278 -16.10 1.67 14.92
N SER A 279 -16.97 2.07 15.83
CA SER A 279 -17.41 1.19 16.90
C SER A 279 -18.42 0.17 16.38
N ALA A 280 -18.57 -0.93 17.12
CA ALA A 280 -19.56 -1.96 16.81
C ALA A 280 -21.00 -1.45 17.01
N VAL A 281 -21.13 -0.32 17.71
CA VAL A 281 -22.41 0.34 18.02
C VAL A 281 -23.26 -0.52 18.97
N ARG B 26 -13.95 -25.01 -27.45
CA ARG B 26 -13.47 -24.77 -26.06
C ARG B 26 -13.10 -23.29 -25.83
N SER B 27 -13.33 -22.46 -26.85
CA SER B 27 -13.06 -21.03 -26.78
C SER B 27 -14.33 -20.19 -26.64
N ASP B 28 -15.48 -20.81 -26.91
CA ASP B 28 -16.79 -20.14 -26.84
C ASP B 28 -17.38 -20.14 -25.44
N ASN B 29 -18.00 -19.03 -25.06
CA ASN B 29 -18.58 -18.84 -23.73
C ASN B 29 -19.57 -19.94 -23.32
N ALA B 30 -20.22 -20.55 -24.30
CA ALA B 30 -21.19 -21.64 -24.08
C ALA B 30 -20.59 -22.84 -23.35
N TYR B 31 -19.27 -23.02 -23.50
CA TYR B 31 -18.52 -24.10 -22.86
C TYR B 31 -18.61 -24.06 -21.33
N ALA B 32 -19.02 -22.90 -20.80
CA ALA B 32 -19.16 -22.69 -19.36
C ALA B 32 -20.21 -23.61 -18.73
N ASP B 33 -21.45 -23.55 -19.23
CA ASP B 33 -22.56 -24.38 -18.74
C ASP B 33 -22.32 -25.85 -19.09
N TYR B 34 -21.74 -26.05 -20.27
CA TYR B 34 -21.31 -27.35 -20.77
C TYR B 34 -20.61 -28.20 -19.69
N VAL B 35 -19.69 -27.59 -18.95
CA VAL B 35 -18.93 -28.29 -17.91
C VAL B 35 -19.56 -28.21 -16.51
N LEU B 36 -20.54 -27.32 -16.34
CA LEU B 36 -21.34 -27.27 -15.11
C LEU B 36 -22.21 -28.51 -15.02
N ASP B 37 -22.96 -28.78 -16.09
CA ASP B 37 -23.92 -29.88 -16.15
C ASP B 37 -23.26 -31.26 -16.01
N ILE B 38 -22.16 -31.47 -16.71
CA ILE B 38 -21.43 -32.75 -16.69
C ILE B 38 -20.74 -32.95 -15.33
N GLY B 39 -20.20 -31.88 -14.77
CA GLY B 39 -19.56 -31.92 -13.45
C GLY B 39 -20.50 -32.25 -12.30
N LYS B 40 -21.74 -31.75 -12.40
CA LYS B 40 -22.79 -32.01 -11.42
C LYS B 40 -23.02 -33.51 -11.17
N ARG B 41 -22.75 -34.31 -12.20
CA ARG B 41 -23.07 -35.74 -12.20
C ARG B 41 -22.36 -36.55 -11.12
N ILE B 42 -21.07 -36.30 -10.90
CA ILE B 42 -20.30 -37.07 -9.91
C ILE B 42 -19.50 -36.21 -8.93
N PRO B 43 -20.08 -35.93 -7.75
CA PRO B 43 -19.31 -35.47 -6.60
C PRO B 43 -19.01 -36.65 -5.66
N LEU B 44 -18.21 -36.43 -4.63
CA LEU B 44 -17.90 -37.47 -3.65
C LEU B 44 -17.36 -36.89 -2.34
N SER B 45 -17.90 -37.38 -1.22
CA SER B 45 -17.50 -36.91 0.11
C SER B 45 -16.32 -37.71 0.68
N ALA B 46 -16.24 -38.99 0.31
CA ALA B 46 -15.16 -39.88 0.74
C ALA B 46 -13.88 -39.63 -0.05
N LEU B 49 -13.96 -34.45 -1.99
CA LEU B 49 -13.33 -35.60 -1.35
C LEU B 49 -12.41 -35.19 -0.20
N GLY B 50 -12.23 -36.10 0.75
CA GLY B 50 -11.24 -35.93 1.81
C GLY B 50 -9.84 -36.13 1.24
N ASN B 51 -9.76 -36.91 0.15
CA ASN B 51 -8.51 -37.14 -0.57
C ASN B 51 -8.08 -35.93 -1.39
N LEU B 52 -9.05 -35.23 -1.97
CA LEU B 52 -8.80 -34.04 -2.80
C LEU B 52 -8.10 -32.91 -2.04
N TYR B 53 -8.52 -32.69 -0.80
CA TYR B 53 -7.94 -31.65 0.05
C TYR B 53 -6.49 -31.99 0.42
N GLU B 54 -6.20 -33.27 0.60
CA GLU B 54 -4.86 -33.74 0.95
C GLU B 54 -3.96 -33.88 -0.29
N ASN B 55 -4.59 -33.97 -1.47
CA ASN B 55 -3.87 -33.89 -2.74
C ASN B 55 -3.25 -32.51 -2.90
N VAL B 56 -4.04 -31.50 -2.56
CA VAL B 56 -3.65 -30.10 -2.69
C VAL B 56 -2.60 -29.71 -1.65
N ILE B 57 -2.85 -30.04 -0.38
CA ILE B 57 -1.90 -29.82 0.71
C ILE B 57 -0.51 -30.38 0.35
N ARG B 58 -0.51 -31.50 -0.39
CA ARG B 58 0.71 -32.04 -0.99
C ARG B 58 1.19 -31.18 -2.16
N ALA B 59 0.31 -30.98 -3.14
CA ALA B 59 0.64 -30.21 -4.36
C ALA B 59 1.21 -28.82 -4.07
N VAL B 60 0.65 -28.14 -3.07
CA VAL B 60 1.14 -26.82 -2.67
C VAL B 60 2.48 -26.93 -1.93
N ARG B 61 2.59 -27.92 -1.04
CA ARG B 61 3.83 -28.19 -0.32
C ARG B 61 4.97 -28.58 -1.26
N ASP B 62 4.60 -29.20 -2.38
CA ASP B 62 5.55 -29.56 -3.45
C ASP B 62 5.97 -28.32 -4.24
N SER B 63 5.08 -27.34 -4.28
CA SER B 63 5.30 -26.12 -5.05
C SER B 63 6.18 -25.09 -4.33
N ARG B 64 6.47 -25.34 -3.05
CA ARG B 64 7.23 -24.39 -2.22
C ARG B 64 8.54 -23.97 -2.88
N SER B 65 9.17 -24.93 -3.54
CA SER B 65 10.42 -24.75 -4.29
C SER B 65 10.34 -23.68 -5.38
N LYS B 66 9.13 -23.44 -5.91
CA LYS B 66 8.91 -22.47 -6.97
C LYS B 66 8.04 -21.28 -6.51
N LEU B 67 7.87 -21.14 -5.20
CA LEU B 67 7.08 -20.03 -4.67
C LEU B 67 7.90 -19.11 -3.77
N ILE B 68 7.57 -17.83 -3.79
CA ILE B 68 8.37 -16.80 -3.14
C ILE B 68 8.25 -16.76 -1.62
N ASP B 69 7.04 -16.96 -1.11
CA ASP B 69 6.74 -16.72 0.31
C ASP B 69 6.15 -17.91 1.01
N GLN B 70 6.37 -17.95 2.32
CA GLN B 70 5.60 -18.81 3.21
C GLN B 70 4.16 -18.31 3.24
N HIS B 71 3.98 -16.99 3.07
CA HIS B 71 2.67 -16.37 2.95
C HIS B 71 1.98 -16.75 1.66
N THR B 72 2.74 -16.75 0.56
CA THR B 72 2.18 -17.05 -0.76
C THR B 72 1.70 -18.49 -0.87
N VAL B 73 2.51 -19.43 -0.38
CA VAL B 73 2.11 -20.84 -0.35
C VAL B 73 0.85 -21.02 0.49
N ASP B 74 0.79 -20.29 1.61
CA ASP B 74 -0.38 -20.31 2.50
C ASP B 74 -1.60 -19.73 1.82
N MSE B 75 -1.40 -18.65 1.06
CA MSE B 75 -2.49 -18.02 0.31
C MSE B 75 -3.03 -18.91 -0.81
O MSE B 75 -4.23 -19.05 -0.94
CB MSE B 75 -2.09 -16.64 -0.22
CG MSE B 75 -2.09 -15.52 0.83
SE MSE B 75 -3.58 -15.50 2.10
CE MSE B 75 -5.09 -15.66 0.88
N ILE B 76 -2.14 -19.49 -1.63
CA ILE B 76 -2.56 -20.42 -2.69
C ILE B 76 -3.34 -21.57 -2.07
N GLY B 77 -2.81 -22.11 -0.98
CA GLY B 77 -3.42 -23.22 -0.23
C GLY B 77 -4.78 -22.86 0.34
N ASN B 78 -4.84 -21.78 1.12
CA ASN B 78 -6.10 -21.30 1.69
C ASN B 78 -7.14 -21.00 0.60
N THR B 79 -6.72 -20.28 -0.44
CA THR B 79 -7.61 -19.91 -1.55
C THR B 79 -8.27 -21.13 -2.19
N ILE B 80 -7.46 -22.14 -2.45
CA ILE B 80 -7.94 -23.32 -3.15
C ILE B 80 -8.81 -24.22 -2.25
N LEU B 81 -8.39 -24.39 -1.00
CA LEU B 81 -9.14 -25.18 -0.01
C LEU B 81 -10.43 -24.47 0.42
N ASP B 82 -10.42 -23.14 0.39
CA ASP B 82 -11.60 -22.34 0.67
C ASP B 82 -12.61 -22.47 -0.46
N ALA B 83 -12.13 -22.44 -1.70
CA ALA B 83 -12.96 -22.59 -2.90
C ALA B 83 -13.57 -23.97 -3.00
N LEU B 84 -12.87 -24.98 -2.48
CA LEU B 84 -13.39 -26.35 -2.45
C LEU B 84 -14.48 -26.48 -1.39
N SER B 85 -14.21 -25.95 -0.19
CA SER B 85 -15.11 -26.08 0.95
C SER B 85 -16.42 -25.29 0.82
N ARG B 86 -16.45 -24.31 -0.09
CA ARG B 86 -17.57 -23.35 -0.13
C ARG B 86 -18.17 -23.03 -1.52
N SER B 87 -17.47 -23.37 -2.59
CA SER B 87 -17.93 -23.00 -3.94
C SER B 87 -18.72 -24.10 -4.63
N GLN B 88 -19.83 -23.71 -5.26
CA GLN B 88 -20.68 -24.61 -6.03
C GLN B 88 -20.13 -24.84 -7.44
N THR B 89 -19.66 -23.77 -8.08
CA THR B 89 -19.17 -23.83 -9.45
C THR B 89 -17.74 -24.39 -9.52
N PHE B 90 -16.95 -24.14 -8.47
CA PHE B 90 -15.61 -24.73 -8.38
C PHE B 90 -15.68 -26.22 -8.04
N ARG B 91 -16.82 -26.62 -7.48
CA ARG B 91 -17.14 -28.02 -7.25
C ARG B 91 -17.38 -28.71 -8.59
N ASP B 92 -18.07 -28.00 -9.49
CA ASP B 92 -18.44 -28.53 -10.80
C ASP B 92 -17.32 -28.41 -11.85
N ALA B 93 -16.21 -27.78 -11.47
CA ALA B 93 -15.05 -27.66 -12.36
C ALA B 93 -14.05 -28.77 -12.07
N VAL B 94 -13.87 -29.07 -10.79
CA VAL B 94 -13.00 -30.15 -10.33
C VAL B 94 -13.62 -31.52 -10.62
N SER B 95 -14.93 -31.64 -10.42
CA SER B 95 -15.67 -32.88 -10.71
C SER B 95 -15.67 -33.23 -12.20
N TYR B 96 -15.69 -32.20 -13.06
CA TYR B 96 -15.52 -32.38 -14.50
C TYR B 96 -14.08 -32.83 -14.83
N GLY B 97 -13.13 -32.44 -13.99
CA GLY B 97 -11.72 -32.80 -14.18
C GLY B 97 -11.44 -34.28 -14.02
N ILE B 98 -11.70 -34.81 -12.82
CA ILE B 98 -11.49 -36.23 -12.51
C ILE B 98 -12.38 -37.16 -13.35
N HIS B 99 -13.63 -36.75 -13.55
CA HIS B 99 -14.63 -37.62 -14.18
C HIS B 99 -14.93 -37.31 -15.62
N ASN B 100 -13.98 -36.65 -16.31
CA ASN B 100 -14.10 -36.40 -17.75
C ASN B 100 -12.74 -36.24 -18.45
N LYS B 101 -11.80 -37.13 -18.13
CA LYS B 101 -10.50 -37.24 -18.80
C LYS B 101 -9.73 -35.91 -18.95
N GLU B 102 -9.69 -35.13 -17.88
CA GLU B 102 -8.97 -33.85 -17.88
C GLU B 102 -7.99 -33.73 -16.71
N VAL B 103 -7.54 -32.51 -16.43
CA VAL B 103 -6.48 -32.27 -15.44
C VAL B 103 -6.99 -32.31 -14.01
N HIS B 104 -6.28 -33.06 -13.16
CA HIS B 104 -6.64 -33.24 -11.75
C HIS B 104 -6.00 -32.18 -10.89
N ILE B 105 -6.79 -31.64 -9.96
CA ILE B 105 -6.38 -30.52 -9.09
C ILE B 105 -5.08 -30.78 -8.32
N GLY B 106 -4.94 -31.96 -7.75
CA GLY B 106 -3.78 -32.35 -6.96
C GLY B 106 -2.52 -32.59 -7.79
N CYS B 107 -2.68 -32.60 -9.11
CA CYS B 107 -1.54 -32.74 -10.03
C CYS B 107 -0.92 -31.38 -10.36
N ILE B 108 -1.62 -30.30 -10.00
CA ILE B 108 -1.18 -28.94 -10.35
C ILE B 108 -0.14 -28.39 -9.38
N LYS B 109 0.95 -27.89 -9.95
CA LYS B 109 2.05 -27.28 -9.21
C LYS B 109 2.00 -25.76 -9.41
N TYR B 110 2.63 -25.00 -8.51
CA TYR B 110 2.51 -23.54 -8.54
C TYR B 110 3.86 -22.80 -8.54
N ARG B 111 3.94 -21.74 -9.35
CA ARG B 111 5.18 -21.01 -9.59
C ARG B 111 4.98 -19.50 -9.53
N ASN B 112 6.03 -18.79 -9.13
CA ASN B 112 6.04 -17.33 -9.18
C ASN B 112 7.07 -16.81 -10.18
N GLU B 113 6.89 -17.17 -11.45
CA GLU B 113 7.83 -16.73 -12.50
C GLU B 113 7.58 -15.28 -12.89
N TYR B 114 8.66 -14.51 -12.97
CA TYR B 114 8.60 -13.11 -13.38
C TYR B 114 9.53 -12.85 -14.57
N GLU B 115 9.16 -11.88 -15.40
CA GLU B 115 9.99 -11.45 -16.50
C GLU B 115 10.26 -9.96 -16.41
N LEU B 116 11.39 -9.55 -16.98
CA LEU B 116 11.77 -8.14 -17.04
C LEU B 116 10.83 -7.36 -17.93
N ASN B 117 10.87 -6.04 -17.79
CA ASN B 117 10.03 -5.16 -18.58
C ASN B 117 10.90 -4.33 -19.52
N GLY B 118 10.78 -4.60 -20.82
CA GLY B 118 11.61 -3.96 -21.84
C GLY B 118 11.26 -2.51 -22.14
N GLU B 119 10.22 -2.01 -21.48
CA GLU B 119 9.77 -0.63 -21.67
C GLU B 119 10.15 0.27 -20.49
N SER B 120 10.93 -0.27 -19.56
CA SER B 120 11.36 0.45 -18.38
C SER B 120 12.49 1.45 -18.71
N ASP B 126 18.71 -7.72 -15.00
CA ASP B 126 18.76 -8.80 -14.03
C ASP B 126 17.72 -8.62 -12.89
N ILE B 127 17.02 -9.70 -12.55
CA ILE B 127 15.99 -9.67 -11.49
C ILE B 127 16.60 -9.65 -10.07
N GLN B 128 17.59 -10.51 -9.85
CA GLN B 128 18.15 -10.71 -8.51
C GLN B 128 18.85 -9.50 -7.89
N SER B 129 19.13 -8.48 -8.70
CA SER B 129 19.80 -7.26 -8.22
C SER B 129 18.84 -6.12 -7.87
N LEU B 130 17.54 -6.34 -8.10
CA LEU B 130 16.52 -5.33 -7.83
C LEU B 130 16.37 -4.98 -6.34
N THR B 131 15.77 -3.82 -6.08
CA THR B 131 15.53 -3.35 -4.72
C THR B 131 14.07 -2.91 -4.55
N CYS B 132 13.62 -2.80 -3.30
CA CYS B 132 12.30 -2.25 -2.99
C CYS B 132 12.09 -0.88 -3.62
N THR B 133 13.09 -0.01 -3.46
CA THR B 133 13.03 1.36 -3.97
C THR B 133 12.65 1.42 -5.45
N GLU B 134 13.25 0.54 -6.25
CA GLU B 134 12.99 0.50 -7.69
C GLU B 134 11.55 0.11 -8.04
N LEU B 135 10.93 -0.68 -7.17
CA LEU B 135 9.52 -1.06 -7.34
C LEU B 135 8.59 0.11 -7.05
N TYR B 136 9.06 1.04 -6.23
CA TYR B 136 8.24 2.18 -5.80
C TYR B 136 8.52 3.46 -6.58
N GLU B 137 9.69 3.52 -7.21
CA GLU B 137 10.09 4.72 -7.97
C GLU B 137 9.25 4.93 -9.22
N TYR B 138 8.70 3.83 -9.75
CA TYR B 138 7.96 3.89 -11.01
C TYR B 138 6.60 3.22 -10.90
N ASP B 139 5.61 3.82 -11.55
CA ASP B 139 4.24 3.31 -11.57
C ASP B 139 3.95 2.46 -12.81
N VAL B 140 2.73 1.91 -12.88
CA VAL B 140 2.32 1.02 -13.98
C VAL B 140 2.65 1.60 -15.35
N GLY B 141 3.41 0.83 -16.13
CA GLY B 141 3.97 1.29 -17.40
C GLY B 141 5.49 1.20 -17.38
N GLN B 142 6.09 1.61 -16.26
CA GLN B 142 7.54 1.67 -16.14
C GLN B 142 8.13 0.75 -15.07
N GLU B 143 7.28 -0.10 -14.47
CA GLU B 143 7.74 -1.08 -13.49
C GLU B 143 8.79 -2.00 -14.10
N PRO B 144 9.82 -2.40 -13.31
CA PRO B 144 10.94 -3.15 -13.88
C PRO B 144 10.62 -4.62 -14.20
N ILE B 145 9.73 -5.25 -13.42
CA ILE B 145 9.33 -6.63 -13.71
C ILE B 145 7.81 -6.86 -13.70
N LEU B 146 7.41 -7.91 -14.42
CA LEU B 146 6.02 -8.30 -14.57
C LEU B 146 5.93 -9.80 -14.29
N PRO B 147 4.86 -10.24 -13.60
CA PRO B 147 4.68 -11.67 -13.37
C PRO B 147 4.29 -12.43 -14.64
N ILE B 148 4.63 -13.71 -14.70
CA ILE B 148 4.14 -14.59 -15.75
C ILE B 148 2.89 -15.27 -15.22
N CYS B 149 1.74 -14.90 -15.75
CA CYS B 149 0.47 -15.50 -15.36
C CYS B 149 -0.04 -16.41 -16.48
N GLU B 150 0.12 -17.71 -16.28
CA GLU B 150 -0.28 -18.69 -17.29
C GLU B 150 -0.44 -20.09 -16.70
N ALA B 151 -1.22 -20.91 -17.40
CA ALA B 151 -1.39 -22.32 -17.08
C ALA B 151 -0.68 -23.14 -18.16
N GLY B 152 0.51 -23.64 -17.82
CA GLY B 152 1.31 -24.38 -18.79
C GLY B 152 1.72 -25.76 -18.32
N GLU B 153 2.68 -26.34 -19.03
CA GLU B 153 3.24 -27.65 -18.71
C GLU B 153 4.74 -27.67 -19.02
N ASN B 154 5.51 -28.31 -18.15
CA ASN B 154 6.95 -28.50 -18.39
C ASN B 154 7.24 -29.50 -19.51
N ASP B 155 8.50 -29.89 -19.65
CA ASP B 155 8.91 -30.87 -20.67
C ASP B 155 8.44 -32.29 -20.36
N ASN B 156 8.28 -32.60 -19.06
CA ASN B 156 7.71 -33.86 -18.62
C ASN B 156 6.19 -33.83 -18.67
N GLU B 157 5.65 -32.70 -19.17
CA GLU B 157 4.22 -32.48 -19.40
C GLU B 157 3.35 -32.44 -18.13
N GLU B 158 3.97 -32.05 -17.02
CA GLU B 158 3.27 -31.86 -15.75
C GLU B 158 2.61 -30.49 -15.68
N PRO B 159 1.34 -30.42 -15.23
CA PRO B 159 0.62 -29.15 -15.20
C PRO B 159 1.12 -28.22 -14.09
N TYR B 160 1.31 -26.95 -14.45
CA TYR B 160 1.68 -25.93 -13.47
C TYR B 160 0.90 -24.63 -13.72
N VAL B 161 0.75 -23.84 -12.67
CA VAL B 161 0.25 -22.47 -12.80
C VAL B 161 1.35 -21.54 -12.32
N SER B 162 1.81 -20.66 -13.21
CA SER B 162 2.65 -19.53 -12.81
C SER B 162 1.77 -18.33 -12.58
N PHE B 163 1.98 -17.64 -11.46
CA PHE B 163 1.13 -16.52 -11.09
C PHE B 163 1.86 -15.50 -10.24
N SER B 164 1.30 -14.29 -10.19
CA SER B 164 1.82 -13.22 -9.34
C SER B 164 1.99 -13.69 -7.89
N VAL B 165 3.03 -13.16 -7.24
CA VAL B 165 3.20 -13.34 -5.80
C VAL B 165 1.93 -12.89 -5.09
N ALA B 166 1.70 -13.41 -3.89
CA ALA B 166 0.49 -13.08 -3.13
C ALA B 166 0.57 -11.68 -2.52
N PRO B 167 -0.52 -10.91 -2.63
CA PRO B 167 -0.60 -9.63 -1.92
C PRO B 167 -0.80 -9.88 -0.42
N ASP B 168 -0.61 -8.85 0.40
CA ASP B 168 -0.79 -8.96 1.84
C ASP B 168 -2.20 -9.38 2.20
N THR B 169 -2.35 -10.08 3.32
CA THR B 169 -3.67 -10.43 3.80
C THR B 169 -4.40 -9.14 4.21
N ASP B 170 -5.68 -9.07 3.87
CA ASP B 170 -6.51 -7.86 4.07
C ASP B 170 -6.16 -6.69 3.15
N SER B 171 -5.42 -6.97 2.08
CA SER B 171 -5.13 -5.95 1.07
C SER B 171 -6.31 -5.81 0.11
N TYR B 172 -6.36 -4.68 -0.58
CA TYR B 172 -7.38 -4.45 -1.60
C TYR B 172 -7.25 -5.43 -2.76
N GLU B 173 -6.00 -5.79 -3.07
CA GLU B 173 -5.69 -6.63 -4.24
C GLU B 173 -6.13 -8.09 -4.09
N MSE B 174 -6.26 -8.55 -2.85
CA MSE B 174 -6.54 -9.98 -2.54
C MSE B 174 -7.64 -10.66 -3.36
O MSE B 174 -7.36 -11.65 -4.01
CB MSE B 174 -6.76 -10.20 -1.02
CG MSE B 174 -6.82 -11.67 -0.62
SE MSE B 174 -5.20 -12.67 -1.11
CE MSE B 174 -4.06 -12.11 0.37
N PRO B 175 -8.88 -10.13 -3.34
CA PRO B 175 -9.94 -10.83 -4.07
C PRO B 175 -9.63 -11.00 -5.55
N SER B 176 -9.17 -9.94 -6.20
CA SER B 176 -8.83 -9.99 -7.63
C SER B 176 -7.69 -10.97 -7.88
N TRP B 177 -6.75 -11.05 -6.93
CA TRP B 177 -5.66 -12.01 -7.01
C TRP B 177 -6.21 -13.41 -6.89
N GLN B 178 -7.08 -13.63 -5.89
CA GLN B 178 -7.69 -14.94 -5.66
C GLN B 178 -8.49 -15.41 -6.86
N GLU B 179 -9.24 -14.48 -7.46
CA GLU B 179 -10.03 -14.76 -8.65
C GLU B 179 -9.12 -15.15 -9.83
N GLY B 180 -8.00 -14.44 -9.97
CA GLY B 180 -7.03 -14.72 -11.02
C GLY B 180 -6.38 -16.09 -10.90
N LEU B 181 -6.06 -16.48 -9.66
CA LEU B 181 -5.48 -17.80 -9.40
C LEU B 181 -6.44 -18.92 -9.80
N ILE B 182 -7.71 -18.76 -9.45
CA ILE B 182 -8.73 -19.72 -9.81
C ILE B 182 -8.96 -19.74 -11.32
N HIS B 183 -8.84 -18.58 -11.96
CA HIS B 183 -8.94 -18.47 -13.42
C HIS B 183 -7.94 -19.34 -14.12
N GLU B 184 -6.69 -19.29 -13.65
CA GLU B 184 -5.64 -20.11 -14.23
C GLU B 184 -5.83 -21.60 -13.95
N ILE B 185 -6.21 -21.94 -12.71
CA ILE B 185 -6.50 -23.33 -12.34
C ILE B 185 -7.63 -23.90 -13.22
N ILE B 186 -8.59 -23.05 -13.56
CA ILE B 186 -9.72 -23.44 -14.42
C ILE B 186 -9.29 -23.84 -15.84
N HIS B 187 -8.27 -23.16 -16.38
CA HIS B 187 -7.69 -23.54 -17.68
C HIS B 187 -7.29 -24.99 -17.72
N HIS B 188 -6.69 -25.46 -16.63
CA HIS B 188 -6.25 -26.85 -16.52
C HIS B 188 -7.39 -27.81 -16.25
N VAL B 189 -8.01 -27.68 -15.08
CA VAL B 189 -9.01 -28.65 -14.60
C VAL B 189 -10.26 -28.80 -15.48
N THR B 190 -10.45 -27.85 -16.38
CA THR B 190 -11.63 -27.82 -17.26
C THR B 190 -11.26 -27.98 -18.74
N GLY B 191 -10.11 -27.43 -19.12
CA GLY B 191 -9.67 -27.45 -20.52
C GLY B 191 -10.24 -26.28 -21.31
N ALA B 192 -10.90 -25.37 -20.60
CA ALA B 192 -11.48 -24.18 -21.21
C ALA B 192 -10.38 -23.20 -21.65
N SER B 193 -10.73 -22.29 -22.56
CA SER B 193 -9.77 -21.33 -23.12
C SER B 193 -10.27 -19.87 -23.05
N ASP B 194 -9.49 -18.97 -23.65
CA ASP B 194 -9.83 -17.53 -23.68
C ASP B 194 -10.40 -17.14 -25.04
N PRO B 195 -10.82 -15.86 -25.19
CA PRO B 195 -11.13 -15.35 -26.53
C PRO B 195 -9.85 -15.13 -27.35
N SER B 196 -9.92 -15.40 -28.65
CA SER B 196 -8.76 -15.24 -29.53
C SER B 196 -8.95 -14.07 -30.47
N GLU B 202 -17.11 -9.90 -25.11
CA GLU B 202 -16.62 -11.27 -25.09
C GLU B 202 -15.52 -11.47 -24.05
N LEU B 203 -15.92 -11.94 -22.87
CA LEU B 203 -15.02 -12.15 -21.74
C LEU B 203 -14.33 -13.51 -21.78
N GLY B 204 -15.00 -14.49 -22.40
CA GLY B 204 -14.47 -15.84 -22.50
C GLY B 204 -14.92 -16.72 -21.35
N PRO B 205 -15.08 -18.03 -21.61
CA PRO B 205 -15.68 -18.99 -20.67
C PRO B 205 -14.87 -19.21 -19.39
N THR B 206 -13.55 -19.13 -19.48
CA THR B 206 -12.67 -19.31 -18.32
C THR B 206 -12.95 -18.28 -17.24
N GLU B 207 -13.07 -17.02 -17.66
CA GLU B 207 -13.36 -15.93 -16.75
C GLU B 207 -14.77 -16.06 -16.16
N ILE B 208 -15.74 -16.46 -16.99
CA ILE B 208 -17.12 -16.66 -16.54
C ILE B 208 -17.16 -17.59 -15.32
N LEU B 209 -16.49 -18.74 -15.43
CA LEU B 209 -16.40 -19.71 -14.34
C LEU B 209 -15.66 -19.15 -13.13
N ALA B 210 -14.60 -18.39 -13.39
CA ALA B 210 -13.81 -17.78 -12.34
C ALA B 210 -14.58 -16.70 -11.58
N ARG B 211 -15.33 -15.88 -12.32
CA ARG B 211 -16.15 -14.82 -11.73
C ARG B 211 -17.24 -15.40 -10.82
N ARG B 212 -17.76 -16.56 -11.23
CA ARG B 212 -18.80 -17.26 -10.50
C ARG B 212 -18.31 -17.77 -9.13
N VAL B 213 -17.14 -18.39 -9.13
CA VAL B 213 -16.49 -18.90 -7.92
C VAL B 213 -16.24 -17.79 -6.90
N ALA B 214 -15.84 -16.63 -7.43
CA ALA B 214 -15.64 -15.42 -6.63
C ALA B 214 -16.98 -14.92 -6.07
N GLN B 215 -18.00 -14.91 -6.91
CA GLN B 215 -19.34 -14.47 -6.50
C GLN B 215 -19.93 -15.37 -5.43
N GLU B 216 -19.51 -16.64 -5.41
CA GLU B 216 -19.96 -17.61 -4.41
C GLU B 216 -19.20 -17.50 -3.09
N LEU B 217 -17.88 -17.32 -3.17
CA LEU B 217 -17.05 -17.15 -1.96
C LEU B 217 -17.02 -15.73 -1.43
N GLY B 218 -17.57 -14.78 -2.21
CA GLY B 218 -17.70 -13.40 -1.78
C GLY B 218 -16.51 -12.52 -2.08
N TRP B 219 -15.76 -12.86 -3.13
CA TRP B 219 -14.67 -12.01 -3.59
C TRP B 219 -15.22 -10.99 -4.55
N THR B 220 -15.00 -9.71 -4.24
CA THR B 220 -15.47 -8.64 -5.10
C THR B 220 -14.45 -8.29 -6.17
N VAL B 221 -14.92 -8.20 -7.42
CA VAL B 221 -14.06 -7.93 -8.58
C VAL B 221 -14.72 -6.88 -9.46
N PRO B 222 -13.95 -5.87 -9.92
CA PRO B 222 -14.45 -4.88 -10.88
C PRO B 222 -15.07 -5.50 -12.14
N ASP B 223 -16.06 -4.82 -12.73
CA ASP B 223 -16.82 -5.34 -13.86
C ASP B 223 -16.07 -5.33 -15.20
N PHE B 224 -15.85 -6.53 -15.74
CA PHE B 224 -15.13 -6.70 -17.00
C PHE B 224 -15.92 -7.56 -17.98
N ALA B 228 -10.39 -9.13 -22.92
CA ALA B 228 -9.29 -8.33 -22.39
C ALA B 228 -9.32 -6.90 -22.95
N GLU B 229 -10.20 -6.07 -22.37
CA GLU B 229 -10.29 -4.66 -22.72
C GLU B 229 -9.08 -3.87 -22.17
N PRO B 230 -8.75 -2.71 -22.79
CA PRO B 230 -7.60 -1.91 -22.30
C PRO B 230 -7.79 -1.39 -20.87
N ASP B 231 -9.04 -1.36 -20.42
CA ASP B 231 -9.38 -0.98 -19.05
C ASP B 231 -8.91 -2.04 -18.06
N ARG B 232 -9.21 -3.31 -18.35
CA ARG B 232 -8.82 -4.42 -17.48
C ARG B 232 -7.31 -4.60 -17.37
N GLU B 233 -6.60 -4.23 -18.44
CA GLU B 233 -5.14 -4.41 -18.51
C GLU B 233 -4.34 -3.45 -17.63
N ALA B 234 -4.88 -2.27 -17.37
CA ALA B 234 -4.24 -1.30 -16.47
C ALA B 234 -4.51 -1.65 -15.00
N HIS B 235 -5.69 -2.22 -14.75
CA HIS B 235 -6.05 -2.74 -13.43
C HIS B 235 -5.18 -3.90 -13.05
N LEU B 236 -4.99 -4.82 -13.99
CA LEU B 236 -4.16 -6.00 -13.77
C LEU B 236 -2.73 -5.66 -13.41
N ARG B 237 -2.13 -4.73 -14.14
CA ARG B 237 -0.74 -4.37 -13.93
C ARG B 237 -0.56 -3.66 -12.59
N GLY B 238 -1.53 -2.81 -12.26
CA GLY B 238 -1.58 -2.13 -10.97
C GLY B 238 -1.68 -3.12 -9.82
N ARG B 239 -2.62 -4.06 -9.95
CA ARG B 239 -2.75 -5.14 -8.97
C ARG B 239 -1.45 -5.92 -8.83
N ASN B 240 -0.86 -6.31 -9.96
CA ASN B 240 0.38 -7.08 -9.94
C ASN B 240 1.54 -6.35 -9.28
N LEU B 241 1.72 -5.07 -9.63
CA LEU B 241 2.78 -4.25 -9.05
C LEU B 241 2.59 -4.04 -7.55
N ASN B 242 1.37 -3.71 -7.15
CA ASN B 242 1.05 -3.53 -5.74
C ASN B 242 1.30 -4.81 -4.94
N ALA B 243 0.84 -5.93 -5.46
CA ALA B 243 1.09 -7.25 -4.86
C ALA B 243 2.59 -7.54 -4.71
N LEU B 244 3.37 -7.26 -5.75
CA LEU B 244 4.82 -7.43 -5.71
C LEU B 244 5.47 -6.51 -4.68
N ARG B 245 5.08 -5.24 -4.67
CA ARG B 245 5.55 -4.27 -3.67
C ARG B 245 5.26 -4.76 -2.26
N GLN B 246 4.06 -5.29 -2.05
CA GLN B 246 3.66 -5.81 -0.74
C GLN B 246 4.52 -6.98 -0.32
N ALA B 247 4.77 -7.89 -1.26
CA ALA B 247 5.60 -9.06 -1.00
C ALA B 247 7.04 -8.68 -0.66
N ALA B 248 7.57 -7.67 -1.35
CA ALA B 248 8.93 -7.19 -1.11
C ALA B 248 9.04 -6.55 0.28
N MSE B 249 7.99 -5.86 0.69
CA MSE B 249 7.97 -5.16 1.98
C MSE B 249 7.83 -6.13 3.14
O MSE B 249 8.37 -5.87 4.23
CB MSE B 249 6.84 -4.12 2.00
CG MSE B 249 7.16 -2.88 2.82
SE MSE B 249 8.88 -2.05 2.38
CE MSE B 249 8.67 -1.92 0.45
N ARG B 250 7.12 -7.23 2.93
CA ARG B 250 7.06 -8.34 3.89
C ARG B 250 8.44 -8.88 4.24
N HIS B 251 9.38 -8.72 3.30
CA HIS B 251 10.74 -9.23 3.45
C HIS B 251 11.75 -8.11 3.31
N GLU B 252 11.43 -6.98 3.96
CA GLU B 252 12.25 -5.79 3.94
C GLU B 252 13.63 -6.06 4.56
N ASP B 253 13.66 -6.91 5.59
CA ASP B 253 14.90 -7.29 6.26
C ASP B 253 15.78 -8.19 5.39
N ASN B 254 15.15 -9.19 4.77
CA ASN B 254 15.83 -10.08 3.84
C ASN B 254 15.60 -9.64 2.39
N GLU B 255 15.97 -8.40 2.09
CA GLU B 255 15.73 -7.83 0.76
C GLU B 255 16.48 -8.57 -0.35
N ARG B 256 17.80 -8.68 -0.21
CA ARG B 256 18.65 -9.39 -1.17
C ARG B 256 18.17 -10.84 -1.35
N THR B 257 17.87 -11.50 -0.24
CA THR B 257 17.38 -12.87 -0.22
C THR B 257 16.07 -13.03 -1.01
N PHE B 258 15.15 -12.09 -0.80
CA PHE B 258 13.85 -12.10 -1.47
C PHE B 258 13.99 -12.07 -3.00
N PHE B 259 14.78 -11.12 -3.50
CA PHE B 259 14.91 -10.94 -4.93
C PHE B 259 15.76 -12.02 -5.59
N GLU B 260 16.63 -12.64 -4.80
CA GLU B 260 17.42 -13.76 -5.28
C GLU B 260 16.54 -14.98 -5.48
N ARG B 261 15.64 -15.23 -4.53
CA ARG B 261 14.69 -16.33 -4.66
C ARG B 261 13.78 -16.11 -5.87
N LEU B 262 13.40 -14.85 -6.11
CA LEU B 262 12.51 -14.53 -7.21
C LEU B 262 13.18 -14.71 -8.58
N GLY B 263 14.44 -14.25 -8.68
CA GLY B 263 15.21 -14.39 -9.91
C GLY B 263 15.48 -15.84 -10.23
N MSE B 264 15.81 -16.59 -9.19
CA MSE B 264 16.01 -18.04 -9.23
C MSE B 264 14.80 -18.76 -9.84
O MSE B 264 14.95 -19.52 -10.81
CB MSE B 264 16.21 -18.53 -7.81
CG MSE B 264 17.00 -19.79 -7.66
SE MSE B 264 17.82 -19.69 -5.92
CE MSE B 264 17.87 -21.58 -5.48
N ILE B 265 13.63 -18.52 -9.27
CA ILE B 265 12.37 -19.12 -9.71
C ILE B 265 12.08 -18.74 -11.16
N SER B 266 12.31 -17.47 -11.48
CA SER B 266 12.13 -16.97 -12.83
C SER B 266 13.10 -17.61 -13.81
N ASP B 267 14.29 -17.99 -13.31
CA ASP B 267 15.27 -18.71 -14.10
C ASP B 267 15.04 -20.22 -14.08
N ARG B 268 13.88 -20.63 -13.57
CA ARG B 268 13.47 -22.05 -13.53
C ARG B 268 14.38 -22.92 -12.66
N TYR B 269 14.79 -22.43 -11.50
CA TYR B 269 15.54 -23.23 -10.54
C TYR B 269 14.71 -23.56 -9.31
N GLU B 270 15.01 -24.69 -8.67
CA GLU B 270 14.38 -25.06 -7.41
C GLU B 270 14.99 -24.24 -6.29
N ALA B 271 14.17 -23.83 -5.32
CA ALA B 271 14.64 -23.08 -4.16
C ALA B 271 14.28 -23.80 -2.85
N SER B 272 14.77 -23.26 -1.73
CA SER B 272 14.60 -23.89 -0.42
C SER B 272 13.12 -24.06 -0.03
N PRO B 273 12.66 -25.32 0.02
CA PRO B 273 11.25 -25.63 0.31
C PRO B 273 10.90 -25.37 1.77
N ASP B 274 11.91 -25.10 2.60
CA ASP B 274 11.71 -24.72 3.99
C ASP B 274 11.83 -23.20 4.18
N PHE B 275 12.18 -22.50 3.10
CA PHE B 275 12.41 -21.04 3.09
C PHE B 275 13.53 -20.64 4.05
N THR B 276 14.52 -21.51 4.15
CA THR B 276 15.65 -21.37 5.09
C THR B 276 16.35 -20.02 4.93
N GLU B 277 16.38 -19.54 3.69
CA GLU B 277 17.01 -18.27 3.33
C GLU B 277 16.41 -17.06 4.06
N TYR B 278 15.14 -17.16 4.45
CA TYR B 278 14.53 -16.13 5.31
C TYR B 278 14.83 -16.42 6.77
ZN ZN C . 6.68 23.59 3.67
ZN ZN D . -6.74 -16.82 -19.33
#